data_6UOF
#
_entry.id   6UOF
#
_cell.length_a   27.313
_cell.length_b   42.872
_cell.length_c   89.098
_cell.angle_alpha   90.000
_cell.angle_beta   90.000
_cell.angle_gamma   90.000
#
_symmetry.space_group_name_H-M   'P 21 21 21'
#
loop_
_entity.id
_entity.type
_entity.pdbx_description
1 polymer 'Transcriptional regulator containing CBS domains'
2 non-polymer 'CHLORIDE ION'
3 non-polymer 'SODIUM ION'
4 non-polymer DI(HYDROXYETHYL)ETHER
5 water water
#
_entity_poly.entity_id   1
_entity_poly.type   'polypeptide(L)'
_entity_poly.pdbx_seq_one_letter_code
;DILTVEKLYRPSHEYGFLRETDTVKDYLDLVRKNRSSRFPVINQHQVVVGVVT(MSE)RDAGDKSPSTTIDKV(MSE)SR
SLFLVGLSTNIANVSQR(MSE)IAEDFE(MSE)VPVVRSNQTLLGVVTRRDV(MSE)EK
;
_entity_poly.pdbx_strand_id   A
#
loop_
_chem_comp.id
_chem_comp.type
_chem_comp.name
_chem_comp.formula
CL non-polymer 'CHLORIDE ION' 'Cl -1'
NA non-polymer 'SODIUM ION' 'Na 1'
PEG non-polymer DI(HYDROXYETHYL)ETHER 'C4 H10 O3'
#
# COMPACT_ATOMS: atom_id res chain seq x y z
N ASP A 1 16.71 1.86 -18.14
CA ASP A 1 15.68 2.95 -18.11
C ASP A 1 15.98 3.87 -16.92
N ILE A 2 15.78 5.17 -17.10
CA ILE A 2 16.06 6.16 -16.01
C ILE A 2 14.85 6.31 -15.08
N LEU A 3 13.62 6.01 -15.51
CA LEU A 3 12.46 6.31 -14.64
C LEU A 3 12.32 5.24 -13.55
N THR A 4 12.53 5.65 -12.30
CA THR A 4 12.47 4.73 -11.14
C THR A 4 11.34 5.11 -10.18
N VAL A 5 11.05 4.21 -9.24
CA VAL A 5 10.04 4.42 -8.17
C VAL A 5 10.33 5.71 -7.39
N GLU A 6 11.60 5.99 -7.12
CA GLU A 6 11.96 7.19 -6.32
C GLU A 6 11.28 8.45 -6.87
N LYS A 7 11.17 8.57 -8.19
CA LYS A 7 10.66 9.81 -8.82
C LYS A 7 9.13 9.95 -8.70
N LEU A 8 8.41 8.83 -8.49
N LEU A 8 8.38 8.86 -8.48
CA LEU A 8 6.93 8.77 -8.53
CA LEU A 8 6.90 9.08 -8.42
C LEU A 8 6.26 8.40 -7.21
C LEU A 8 6.24 8.40 -7.22
N TYR A 9 7.01 7.91 -6.24
CA TYR A 9 6.33 7.33 -5.06
C TYR A 9 5.77 8.42 -4.14
N ARG A 10 4.79 8.02 -3.34
CA ARG A 10 4.14 8.90 -2.33
CA ARG A 10 4.14 8.90 -2.33
C ARG A 10 4.56 8.46 -0.93
N PRO A 11 5.25 9.32 -0.16
CA PRO A 11 5.62 8.97 1.21
C PRO A 11 4.41 8.52 2.03
N SER A 12 4.64 7.66 3.03
N SER A 12 4.66 7.65 3.02
CA SER A 12 3.54 7.01 3.79
CA SER A 12 3.58 7.03 3.82
C SER A 12 2.63 8.02 4.49
C SER A 12 2.63 8.05 4.43
N HIS A 13 3.16 9.13 5.01
CA HIS A 13 2.26 10.09 5.70
C HIS A 13 1.33 10.83 4.71
N GLU A 14 1.73 10.93 3.43
CA GLU A 14 0.90 11.63 2.42
C GLU A 14 -0.22 10.69 1.96
N TYR A 15 0.15 9.46 1.59
CA TYR A 15 -0.80 8.49 1.02
C TYR A 15 -1.67 7.82 2.09
N GLY A 16 -1.05 7.47 3.21
CA GLY A 16 -1.74 6.74 4.28
C GLY A 16 -1.12 5.39 4.57
N PHE A 17 -1.20 4.99 5.82
CA PHE A 17 -0.73 3.64 6.20
C PHE A 17 -1.48 3.25 7.46
N LEU A 18 -1.52 1.95 7.70
CA LEU A 18 -2.12 1.43 8.96
C LEU A 18 -1.11 0.61 9.74
N ARG A 19 -1.32 0.55 11.05
CA ARG A 19 -0.51 -0.30 11.93
C ARG A 19 -1.28 -1.60 12.14
N GLU A 20 -0.57 -2.71 12.34
CA GLU A 20 -1.30 -4.00 12.43
C GLU A 20 -2.18 -4.01 13.69
N THR A 21 -1.89 -3.14 14.68
CA THR A 21 -2.66 -3.00 15.95
C THR A 21 -3.75 -1.92 15.84
N ASP A 22 -3.81 -1.20 14.71
CA ASP A 22 -4.99 -0.34 14.45
C ASP A 22 -6.21 -1.24 14.23
N THR A 23 -7.40 -0.65 14.17
CA THR A 23 -8.66 -1.42 14.01
C THR A 23 -9.30 -1.14 12.66
N VAL A 24 -10.31 -1.95 12.35
CA VAL A 24 -11.09 -1.75 11.10
C VAL A 24 -11.73 -0.36 11.13
N LYS A 25 -12.16 0.11 12.31
CA LYS A 25 -12.71 1.50 12.45
C LYS A 25 -11.66 2.50 11.99
N ASP A 26 -10.41 2.31 12.41
CA ASP A 26 -9.32 3.23 12.00
C ASP A 26 -9.15 3.19 10.48
N TYR A 27 -9.26 2.01 9.87
CA TYR A 27 -9.14 1.87 8.39
C TYR A 27 -10.28 2.64 7.72
N LEU A 28 -11.52 2.44 8.16
CA LEU A 28 -12.69 3.13 7.53
C LEU A 28 -12.53 4.65 7.67
N ASP A 29 -12.02 5.13 8.82
CA ASP A 29 -11.81 6.58 9.02
C ASP A 29 -10.74 7.08 8.03
N LEU A 30 -9.66 6.30 7.85
CA LEU A 30 -8.57 6.75 6.95
C LEU A 30 -9.07 6.78 5.51
N VAL A 31 -9.95 5.85 5.15
CA VAL A 31 -10.51 5.84 3.78
C VAL A 31 -11.22 7.18 3.52
N ARG A 32 -11.98 7.66 4.49
CA ARG A 32 -12.73 8.94 4.25
C ARG A 32 -11.81 10.16 4.33
N LYS A 33 -10.77 10.12 5.14
CA LYS A 33 -9.85 11.28 5.25
CA LYS A 33 -9.85 11.28 5.26
C LYS A 33 -8.94 11.35 4.02
N ASN A 34 -8.56 10.20 3.46
CA ASN A 34 -7.55 10.17 2.37
C ASN A 34 -8.15 9.87 1.00
N ARG A 35 -9.40 9.42 0.96
CA ARG A 35 -10.07 9.16 -0.33
CA ARG A 35 -10.12 9.10 -0.29
C ARG A 35 -9.33 8.05 -1.08
N SER A 36 -8.78 7.08 -0.37
CA SER A 36 -8.06 5.89 -0.91
C SER A 36 -8.55 4.70 -0.09
N SER A 37 -8.43 3.48 -0.62
CA SER A 37 -8.98 2.31 0.14
C SER A 37 -8.00 1.14 0.25
N ARG A 38 -6.78 1.29 -0.26
CA ARG A 38 -5.78 0.20 -0.19
C ARG A 38 -4.54 0.76 0.48
N PHE A 39 -4.20 0.19 1.63
CA PHE A 39 -3.06 0.74 2.40
C PHE A 39 -2.08 -0.33 2.82
N PRO A 40 -0.76 0.00 2.88
CA PRO A 40 0.20 -0.91 3.49
C PRO A 40 -0.01 -0.93 4.99
N VAL A 41 0.33 -2.07 5.58
CA VAL A 41 0.24 -2.28 7.06
C VAL A 41 1.63 -2.58 7.62
N ILE A 42 1.99 -1.88 8.69
CA ILE A 42 3.32 -2.10 9.33
C ILE A 42 3.17 -2.65 10.74
N ASN A 43 4.20 -3.37 11.16
CA ASN A 43 4.26 -3.81 12.58
C ASN A 43 5.05 -2.76 13.38
N GLN A 44 5.29 -3.07 14.65
CA GLN A 44 5.95 -2.11 15.57
C GLN A 44 7.45 -1.94 15.23
N HIS A 45 7.96 -2.74 14.30
CA HIS A 45 9.36 -2.62 13.77
C HIS A 45 9.35 -1.86 12.44
N GLN A 46 8.18 -1.35 12.05
CA GLN A 46 7.97 -0.55 10.80
C GLN A 46 8.06 -1.44 9.55
N VAL A 47 8.07 -2.76 9.73
CA VAL A 47 8.18 -3.70 8.59
C VAL A 47 6.78 -3.90 7.98
N VAL A 48 6.73 -3.93 6.66
CA VAL A 48 5.43 -4.19 5.98
C VAL A 48 5.05 -5.66 6.23
N VAL A 49 3.87 -5.88 6.80
CA VAL A 49 3.41 -7.26 7.14
C VAL A 49 2.17 -7.64 6.33
N GLY A 50 1.62 -6.71 5.55
CA GLY A 50 0.43 -7.00 4.73
C GLY A 50 -0.10 -5.73 4.12
N VAL A 51 -1.22 -5.87 3.42
CA VAL A 51 -1.94 -4.73 2.83
C VAL A 51 -3.42 -4.90 3.20
N VAL A 52 -4.12 -3.79 3.35
CA VAL A 52 -5.56 -3.87 3.71
C VAL A 52 -6.35 -3.13 2.62
N THR A 53 -7.36 -3.81 2.10
CA THR A 53 -8.25 -3.29 1.03
C THR A 53 -9.69 -3.31 1.53
N MSE A 54 -10.61 -2.72 0.76
CA MSE A 54 -11.99 -2.68 1.18
C MSE A 54 -12.57 -4.10 1.14
O MSE A 54 -13.45 -4.44 1.93
CB MSE A 54 -12.79 -1.70 0.33
CG MSE A 54 -14.20 -1.48 0.83
SE MSE A 54 -14.38 -0.71 2.63
CE MSE A 54 -13.76 1.10 2.27
N ARG A 55 -12.09 -4.94 0.20
CA ARG A 55 -12.53 -6.34 0.19
C ARG A 55 -12.15 -7.01 1.51
N ASP A 56 -10.98 -6.67 2.05
CA ASP A 56 -10.52 -7.30 3.31
C ASP A 56 -11.30 -6.80 4.53
N ALA A 57 -11.64 -5.51 4.58
CA ALA A 57 -12.13 -4.91 5.84
C ALA A 57 -13.58 -4.44 5.82
N GLY A 58 -14.16 -4.23 4.63
CA GLY A 58 -15.49 -3.58 4.51
C GLY A 58 -16.59 -4.17 5.36
N ASP A 59 -16.62 -5.49 5.47
CA ASP A 59 -17.72 -6.18 6.19
C ASP A 59 -17.26 -6.71 7.56
N LYS A 60 -16.09 -6.29 8.02
CA LYS A 60 -15.58 -6.84 9.31
C LYS A 60 -16.04 -5.99 10.48
N SER A 61 -15.96 -6.56 11.69
N SER A 61 -15.98 -6.56 11.69
CA SER A 61 -16.30 -5.81 12.93
CA SER A 61 -16.37 -5.77 12.88
C SER A 61 -15.37 -4.61 13.04
C SER A 61 -15.39 -4.62 13.05
N PRO A 62 -15.87 -3.39 13.33
CA PRO A 62 -15.01 -2.23 13.47
C PRO A 62 -13.94 -2.38 14.56
N SER A 63 -14.20 -3.24 15.56
N SER A 63 -14.21 -3.23 15.57
CA SER A 63 -13.26 -3.42 16.70
CA SER A 63 -13.30 -3.45 16.72
C SER A 63 -12.11 -4.37 16.35
C SER A 63 -12.14 -4.39 16.37
N THR A 64 -12.22 -5.13 15.27
CA THR A 64 -11.17 -6.12 14.91
C THR A 64 -9.85 -5.44 14.51
N THR A 65 -8.73 -6.01 14.94
CA THR A 65 -7.42 -5.43 14.57
C THR A 65 -7.09 -5.74 13.10
N ILE A 66 -6.32 -4.83 12.50
CA ILE A 66 -5.98 -4.97 11.05
C ILE A 66 -5.19 -6.25 10.79
N ASP A 67 -4.35 -6.71 11.72
CA ASP A 67 -3.55 -7.92 11.42
C ASP A 67 -4.45 -9.12 11.14
N LYS A 68 -5.68 -9.11 11.66
CA LYS A 68 -6.58 -10.29 11.53
C LYS A 68 -7.43 -10.19 10.26
N VAL A 69 -7.37 -9.07 9.51
CA VAL A 69 -8.20 -8.94 8.28
C VAL A 69 -7.32 -8.67 7.05
N MSE A 70 -6.08 -8.23 7.23
CA MSE A 70 -5.25 -7.82 6.11
C MSE A 70 -4.87 -9.00 5.21
O MSE A 70 -4.82 -10.15 5.66
CB MSE A 70 -3.98 -7.13 6.63
CG MSE A 70 -3.02 -8.07 7.30
SE MSE A 70 -1.58 -7.07 8.17
CE MSE A 70 -0.69 -8.59 9.04
N SER A 71 -4.59 -8.65 3.94
N SER A 71 -4.62 -8.69 3.94
CA SER A 71 -4.13 -9.56 2.90
CA SER A 71 -4.18 -9.68 2.97
C SER A 71 -2.61 -9.69 2.94
C SER A 71 -2.65 -9.66 2.87
N ARG A 72 -2.10 -10.68 2.20
CA ARG A 72 -0.63 -10.86 2.05
C ARG A 72 -0.07 -9.78 1.12
N SER A 73 1.13 -9.33 1.44
CA SER A 73 1.87 -8.38 0.58
C SER A 73 3.07 -9.13 0.00
N LEU A 74 3.02 -9.47 -1.29
N LEU A 74 3.00 -9.51 -1.28
CA LEU A 74 4.13 -10.21 -1.97
CA LEU A 74 4.16 -10.18 -1.93
C LEU A 74 4.87 -9.30 -2.95
C LEU A 74 4.90 -9.14 -2.79
N PHE A 75 4.15 -8.37 -3.57
CA PHE A 75 4.77 -7.41 -4.51
C PHE A 75 5.19 -6.17 -3.73
N LEU A 76 6.49 -5.99 -3.63
CA LEU A 76 7.13 -4.85 -2.94
C LEU A 76 8.19 -4.29 -3.87
N VAL A 77 8.37 -2.97 -3.86
CA VAL A 77 9.43 -2.35 -4.70
C VAL A 77 10.33 -1.47 -3.83
N GLY A 78 11.46 -1.08 -4.41
CA GLY A 78 12.41 -0.14 -3.77
C GLY A 78 12.54 1.13 -4.60
N LEU A 79 13.25 2.12 -4.04
CA LEU A 79 13.45 3.42 -4.74
C LEU A 79 14.10 3.21 -6.11
N SER A 80 15.04 2.27 -6.25
CA SER A 80 15.78 2.10 -7.54
C SER A 80 15.01 1.23 -8.53
N THR A 81 13.84 0.71 -8.16
CA THR A 81 13.11 -0.20 -9.08
C THR A 81 12.64 0.55 -10.33
N ASN A 82 12.81 -0.08 -11.51
CA ASN A 82 12.39 0.44 -12.83
C ASN A 82 10.87 0.51 -12.90
N ILE A 83 10.32 1.68 -13.24
CA ILE A 83 8.85 1.85 -13.36
C ILE A 83 8.29 0.95 -14.47
N ALA A 84 9.03 0.71 -15.55
CA ALA A 84 8.53 -0.16 -16.65
C ALA A 84 8.18 -1.54 -16.07
N ASN A 85 9.04 -2.08 -15.22
CA ASN A 85 8.80 -3.42 -14.59
C ASN A 85 7.58 -3.35 -13.66
N VAL A 86 7.47 -2.29 -12.87
CA VAL A 86 6.30 -2.11 -11.97
C VAL A 86 5.01 -2.06 -12.80
N SER A 87 5.00 -1.29 -13.88
N SER A 87 5.04 -1.28 -13.88
CA SER A 87 3.77 -1.16 -14.71
CA SER A 87 3.85 -1.12 -14.76
C SER A 87 3.37 -2.52 -15.29
C SER A 87 3.38 -2.48 -15.30
N GLN A 88 4.35 -3.28 -15.78
N GLN A 88 4.31 -3.29 -15.80
CA GLN A 88 4.09 -4.62 -16.38
CA GLN A 88 3.96 -4.60 -16.41
C GLN A 88 3.34 -5.50 -15.38
C GLN A 88 3.27 -5.47 -15.36
N ARG A 89 3.79 -5.52 -14.12
CA ARG A 89 3.16 -6.39 -13.10
C ARG A 89 1.82 -5.81 -12.63
N MSE A 90 1.71 -4.49 -12.48
CA MSE A 90 0.45 -3.90 -12.06
CA MSE A 90 0.45 -3.88 -12.08
C MSE A 90 -0.63 -4.22 -13.10
O MSE A 90 -1.78 -4.48 -12.73
CB MSE A 90 0.61 -2.39 -11.83
CB MSE A 90 0.57 -2.36 -12.04
CG MSE A 90 1.59 -2.04 -10.72
CG MSE A 90 1.24 -1.83 -10.82
SE MSE A 90 1.50 -0.14 -10.20
SE MSE A 90 1.41 0.11 -11.02
CE MSE A 90 -0.11 -0.11 -9.08
CE MSE A 90 1.47 0.68 -9.16
N ILE A 91 -0.27 -4.20 -14.38
CA ILE A 91 -1.25 -4.52 -15.43
C ILE A 91 -1.58 -6.02 -15.41
N ALA A 92 -0.55 -6.86 -15.40
CA ALA A 92 -0.77 -8.32 -15.50
C ALA A 92 -1.56 -8.84 -14.30
N GLU A 93 -1.32 -8.29 -13.10
CA GLU A 93 -1.91 -8.81 -11.83
C GLU A 93 -2.97 -7.87 -11.24
N ASP A 94 -3.31 -6.81 -11.96
CA ASP A 94 -4.39 -5.84 -11.62
C ASP A 94 -4.17 -5.22 -10.23
N PHE A 95 -3.00 -4.63 -10.04
CA PHE A 95 -2.74 -3.88 -8.79
C PHE A 95 -3.15 -2.41 -8.95
N GLU A 96 -3.55 -1.81 -7.84
CA GLU A 96 -3.88 -0.36 -7.75
CA GLU A 96 -3.86 -0.36 -7.80
C GLU A 96 -2.78 0.37 -6.99
N MSE A 97 -2.02 -0.37 -6.17
CA MSE A 97 -1.06 0.26 -5.22
C MSE A 97 0.02 -0.78 -4.92
O MSE A 97 -0.31 -1.96 -4.87
CB MSE A 97 -1.80 0.63 -3.94
CG MSE A 97 -1.00 1.24 -2.79
SE MSE A 97 -0.17 -0.10 -1.65
CE MSE A 97 -1.54 -1.11 -0.71
N VAL A 98 1.27 -0.36 -4.82
CA VAL A 98 2.37 -1.25 -4.43
C VAL A 98 3.18 -0.56 -3.34
N PRO A 99 3.43 -1.23 -2.19
CA PRO A 99 4.28 -0.63 -1.17
C PRO A 99 5.74 -0.49 -1.60
N VAL A 100 6.35 0.61 -1.15
CA VAL A 100 7.79 0.89 -1.40
C VAL A 100 8.51 0.68 -0.08
N VAL A 101 9.59 -0.12 -0.10
CA VAL A 101 10.30 -0.47 1.17
C VAL A 101 11.80 -0.30 1.01
N ARG A 102 12.44 -0.13 2.16
CA ARG A 102 13.91 -0.19 2.24
C ARG A 102 14.35 -1.67 2.12
N SER A 103 15.66 -1.89 1.98
CA SER A 103 16.23 -3.27 1.90
C SER A 103 15.78 -4.11 3.12
N ASN A 104 15.59 -3.48 4.28
CA ASN A 104 15.17 -4.23 5.50
C ASN A 104 13.66 -4.38 5.59
N GLN A 105 12.95 -4.09 4.49
CA GLN A 105 11.47 -4.30 4.36
C GLN A 105 10.66 -3.30 5.19
N THR A 106 11.27 -2.23 5.69
CA THR A 106 10.49 -1.17 6.39
C THR A 106 9.85 -0.22 5.36
N LEU A 107 8.69 0.32 5.72
CA LEU A 107 7.87 1.13 4.77
C LEU A 107 8.45 2.53 4.50
N LEU A 108 8.49 2.88 3.22
CA LEU A 108 8.81 4.26 2.76
C LEU A 108 7.52 4.93 2.27
N GLY A 109 6.65 4.18 1.59
CA GLY A 109 5.44 4.80 1.02
C GLY A 109 4.83 3.87 0.01
N VAL A 110 4.19 4.44 -1.01
CA VAL A 110 3.52 3.59 -2.04
C VAL A 110 3.71 4.20 -3.43
N VAL A 111 3.54 3.37 -4.45
CA VAL A 111 3.37 3.85 -5.85
C VAL A 111 1.93 3.49 -6.25
N THR A 112 1.26 4.44 -6.87
CA THR A 112 -0.15 4.20 -7.29
C THR A 112 -0.20 3.90 -8.79
N ARG A 113 -1.23 3.16 -9.19
CA ARG A 113 -1.44 2.78 -10.60
C ARG A 113 -1.59 4.04 -11.46
N ARG A 114 -2.39 5.01 -11.02
CA ARG A 114 -2.61 6.20 -11.87
C ARG A 114 -1.28 6.92 -12.12
N ASP A 115 -0.43 7.05 -11.10
CA ASP A 115 0.84 7.79 -11.33
C ASP A 115 1.72 6.99 -12.29
N VAL A 116 1.75 5.67 -12.15
CA VAL A 116 2.63 4.83 -13.02
C VAL A 116 2.14 4.90 -14.46
N MSE A 117 0.81 4.84 -14.64
CA MSE A 117 0.30 4.80 -16.00
C MSE A 117 0.43 6.16 -16.68
O MSE A 117 0.64 6.25 -17.88
CB MSE A 117 -1.16 4.35 -16.03
CG MSE A 117 -1.39 2.94 -15.55
SE MSE A 117 -0.08 1.59 -16.19
CE MSE A 117 0.02 0.32 -14.72
N GLU A 118 0.25 7.25 -15.90
CA GLU A 118 0.30 8.58 -16.47
C GLU A 118 1.75 8.94 -16.80
N LYS A 119 2.72 8.39 -16.06
CA LYS A 119 4.16 8.65 -16.31
C LYS A 119 4.84 7.38 -16.83
CL CL B . -3.84 -3.19 -5.08
NA NA C . -5.34 10.64 -0.78
C1 PEG D . 5.96 2.35 -17.85
O1 PEG D . 7.19 2.97 -18.05
C2 PEG D . 4.88 3.32 -17.52
O2 PEG D . 3.58 2.74 -17.71
C3 PEG D . 3.41 2.00 -18.91
C4 PEG D . 3.73 2.86 -20.10
O4 PEG D . 3.45 4.20 -19.85
#